data_1EYN
#
_entry.id   1EYN
#
_cell.length_a   62.100
_cell.length_b   66.600
_cell.length_c   107.800
_cell.angle_alpha   90.00
_cell.angle_beta   90.00
_cell.angle_gamma   90.00
#
_symmetry.space_group_name_H-M   'P 21 21 21'
#
loop_
_entity.id
_entity.type
_entity.pdbx_description
1 polymer 'UDP-N-ACETYLGLUCOSAMINE 1-CARBOXYVINYLTRANSFERASE'
2 non-polymer '8-ANILINO-1-NAPHTHALENE SULFONATE'
3 non-polymer GLYCEROL
4 water water
#
_entity_poly.entity_id   1
_entity_poly.type   'polypeptide(L)'
_entity_poly.pdbx_seq_one_letter_code
;MDKFRVQGPTRLQGEVTISGAKNAALPILFAALLAEEPVEIQNVPKLKDIDTTMKLLTQLGTKVER(IAS)GSVWIDASN
VNNFSAPYDLVKTMRASIWALGPLVARFGQGQVSLPGGCAIGARPVDLHIFGLEKLGAEIKLEEGYVKASVNGRLKGAHI
VMDKVSVGATVTIMSAATLAEGTTIIENAAREPEIVDTANFLVALGAKISGQGTDRITIEGVERLGGGVYRVLPDRIETG
TFLVAAAISGGKIVCRNAQPDTLDAVLAKLREAGADIETGEDWISLDMHGKRPKAVTVRTAPHPAFPTDMQAQFTLLNLV
AEGTGVITETIFENRFMHVPELIRMGAHAEIESNTVICHGVEKLSGAQVMATDLRASASLVLAGCIAEGTTVVDRIYHID
RGYERIEDKLRALGANIERVKGE
;
_entity_poly.pdbx_strand_id   A
#
# COMPACT_ATOMS: atom_id res chain seq x y z
N MET A 1 19.45 8.33 13.96
CA MET A 1 18.85 8.22 12.58
C MET A 1 19.59 7.06 11.90
N ASP A 2 18.90 5.93 11.75
CA ASP A 2 19.49 4.74 11.16
C ASP A 2 19.80 4.93 9.66
N LYS A 3 20.83 4.23 9.17
CA LYS A 3 21.22 4.25 7.76
C LYS A 3 21.58 2.83 7.34
N PHE A 4 21.57 2.57 6.03
CA PHE A 4 22.01 1.27 5.56
C PHE A 4 23.34 1.52 4.85
N ARG A 5 24.37 0.73 5.21
CA ARG A 5 25.65 0.81 4.53
C ARG A 5 25.70 -0.44 3.63
N VAL A 6 25.82 -0.25 2.32
CA VAL A 6 25.80 -1.38 1.39
C VAL A 6 27.12 -1.43 0.61
N GLN A 7 27.63 -2.65 0.39
CA GLN A 7 28.85 -2.88 -0.36
C GLN A 7 28.46 -3.69 -1.57
N GLY A 8 28.77 -3.16 -2.75
CA GLY A 8 28.41 -3.87 -3.98
C GLY A 8 29.64 -4.05 -4.84
N PRO A 9 29.52 -4.75 -5.98
CA PRO A 9 28.28 -5.36 -6.48
C PRO A 9 27.99 -6.76 -5.98
N THR A 10 26.72 -7.10 -5.84
CA THR A 10 26.33 -8.45 -5.45
C THR A 10 25.17 -8.96 -6.30
N ARG A 11 25.25 -10.21 -6.77
CA ARG A 11 24.18 -10.85 -7.53
C ARG A 11 23.18 -11.29 -6.48
N LEU A 12 21.93 -10.84 -6.57
CA LEU A 12 20.96 -11.23 -5.54
C LEU A 12 20.20 -12.47 -5.98
N GLN A 13 20.35 -13.54 -5.19
CA GLN A 13 19.70 -14.80 -5.50
C GLN A 13 19.21 -15.53 -4.25
N GLY A 14 18.15 -16.29 -4.42
CA GLY A 14 17.67 -17.04 -3.27
C GLY A 14 16.14 -17.00 -3.17
N GLU A 15 15.65 -16.85 -1.94
CA GLU A 15 14.22 -16.81 -1.70
C GLU A 15 13.91 -15.72 -0.67
N VAL A 16 12.67 -15.26 -0.76
CA VAL A 16 12.14 -14.28 0.18
C VAL A 16 10.69 -14.66 0.47
N THR A 17 10.24 -14.44 1.72
CA THR A 17 8.84 -14.71 2.07
C THR A 17 8.15 -13.36 2.22
N ILE A 18 7.14 -13.17 1.38
CA ILE A 18 6.41 -11.89 1.31
C ILE A 18 5.49 -11.68 2.52
N SER A 19 5.57 -10.48 3.11
CA SER A 19 4.71 -10.14 4.24
C SER A 19 3.30 -9.78 3.78
N GLY A 20 2.33 -9.79 4.70
CA GLY A 20 0.99 -9.36 4.36
C GLY A 20 1.03 -7.88 4.05
N ALA A 21 0.07 -7.43 3.23
CA ALA A 21 -0.01 -6.02 2.80
C ALA A 21 -0.54 -5.09 3.89
N LYS A 22 0.29 -4.16 4.33
CA LYS A 22 -0.14 -3.17 5.30
C LYS A 22 -1.35 -2.42 4.73
N ASN A 23 -1.35 -2.17 3.41
CA ASN A 23 -2.45 -1.43 2.82
C ASN A 23 -3.77 -2.19 2.71
N ALA A 24 -3.74 -3.49 3.04
CA ALA A 24 -4.99 -4.23 3.12
C ALA A 24 -5.27 -4.41 4.64
N ALA A 25 -4.23 -4.66 5.40
CA ALA A 25 -4.47 -4.84 6.85
C ALA A 25 -5.12 -3.58 7.47
N LEU A 26 -4.73 -2.40 7.03
CA LEU A 26 -5.30 -1.18 7.61
C LEU A 26 -6.79 -1.09 7.37
N PRO A 27 -7.25 -1.17 6.10
CA PRO A 27 -8.71 -1.07 5.95
C PRO A 27 -9.49 -2.21 6.62
N ILE A 28 -8.90 -3.40 6.68
CA ILE A 28 -9.56 -4.50 7.33
C ILE A 28 -9.67 -4.21 8.85
N LEU A 29 -8.59 -3.71 9.44
CA LEU A 29 -8.61 -3.40 10.92
C LEU A 29 -9.71 -2.38 11.23
N PHE A 30 -9.88 -1.36 10.39
CA PHE A 30 -10.98 -0.42 10.64
C PHE A 30 -12.35 -1.04 10.38
N ALA A 31 -12.45 -1.91 9.38
CA ALA A 31 -13.71 -2.55 9.08
C ALA A 31 -14.12 -3.47 10.25
N ALA A 32 -13.14 -3.95 10.99
CA ALA A 32 -13.43 -4.81 12.16
C ALA A 32 -14.28 -4.09 13.21
N LEU A 33 -14.31 -2.76 13.19
CA LEU A 33 -15.18 -2.01 14.11
C LEU A 33 -16.63 -2.42 13.93
N LEU A 34 -16.94 -2.98 12.76
CA LEU A 34 -18.29 -3.43 12.43
C LEU A 34 -18.64 -4.78 13.04
N ALA A 35 -17.63 -5.53 13.47
CA ALA A 35 -17.85 -6.90 13.95
C ALA A 35 -18.41 -7.02 15.37
N GLU A 36 -19.50 -7.75 15.51
CA GLU A 36 -20.05 -7.93 16.86
C GLU A 36 -19.38 -9.07 17.57
N GLU A 37 -18.73 -9.95 16.84
CA GLU A 37 -18.06 -11.13 17.44
C GLU A 37 -16.56 -11.06 17.23
N PRO A 38 -15.80 -11.90 17.95
CA PRO A 38 -14.36 -11.87 17.80
C PRO A 38 -13.85 -12.11 16.38
N VAL A 39 -12.77 -11.42 16.08
CA VAL A 39 -12.14 -11.52 14.78
C VAL A 39 -10.66 -11.76 14.93
N GLU A 40 -10.13 -12.67 14.13
CA GLU A 40 -8.67 -12.90 14.09
C GLU A 40 -8.25 -12.53 12.68
N ILE A 41 -7.37 -11.52 12.57
CA ILE A 41 -6.86 -11.10 11.24
C ILE A 41 -5.45 -11.64 11.18
N GLN A 42 -5.20 -12.53 10.24
CA GLN A 42 -3.90 -13.19 10.12
C GLN A 42 -2.99 -12.54 9.12
N ASN A 43 -1.70 -12.83 9.26
CA ASN A 43 -0.66 -12.35 8.35
C ASN A 43 -0.58 -10.83 8.33
N VAL A 44 -0.64 -10.22 9.53
CA VAL A 44 -0.57 -8.76 9.61
C VAL A 44 0.88 -8.38 9.86
N PRO A 45 1.45 -7.51 9.00
CA PRO A 45 2.84 -7.13 9.21
C PRO A 45 3.00 -6.31 10.51
N LYS A 46 4.23 -6.29 11.00
CA LYS A 46 4.54 -5.51 12.20
C LYS A 46 5.19 -4.21 11.74
N LEU A 47 4.33 -3.22 11.54
CA LEU A 47 4.71 -1.90 11.04
C LEU A 47 4.02 -0.81 11.86
N LYS A 48 4.63 0.36 11.88
CA LYS A 48 4.12 1.43 12.69
C LYS A 48 2.64 1.75 12.52
N ASP A 49 2.16 1.87 11.28
CA ASP A 49 0.73 2.21 11.12
C ASP A 49 -0.18 1.17 11.75
N ILE A 50 0.27 -0.10 11.80
CA ILE A 50 -0.55 -1.14 12.43
C ILE A 50 -0.63 -0.83 13.93
N ASP A 51 0.50 -0.47 14.54
CA ASP A 51 0.47 -0.11 15.96
C ASP A 51 -0.43 1.10 16.21
N THR A 52 -0.32 2.12 15.34
CA THR A 52 -1.13 3.33 15.49
C THR A 52 -2.63 3.00 15.44
N THR A 53 -2.97 2.12 14.50
CA THR A 53 -4.35 1.70 14.34
C THR A 53 -4.82 0.92 15.57
N MET A 54 -3.98 0.05 16.10
CA MET A 54 -4.46 -0.72 17.24
C MET A 54 -4.71 0.24 18.42
N LYS A 55 -3.85 1.25 18.56
CA LYS A 55 -4.04 2.18 19.69
C LYS A 55 -5.33 3.00 19.49
N LEU A 56 -5.62 3.37 18.25
CA LEU A 56 -6.85 4.11 17.98
C LEU A 56 -8.08 3.21 18.26
N LEU A 57 -8.05 1.96 17.78
CA LEU A 57 -9.16 1.06 18.02
C LEU A 57 -9.39 0.90 19.53
N THR A 58 -8.30 0.73 20.27
CA THR A 58 -8.44 0.59 21.72
C THR A 58 -9.15 1.81 22.37
N GLN A 59 -8.81 3.02 21.93
CA GLN A 59 -9.41 4.26 22.45
C GLN A 59 -10.94 4.23 22.23
N LEU A 60 -11.39 3.58 21.15
CA LEU A 60 -12.82 3.50 20.89
C LEU A 60 -13.52 2.44 21.72
N GLY A 61 -12.75 1.69 22.50
CA GLY A 61 -13.41 0.67 23.27
C GLY A 61 -13.22 -0.73 22.74
N THR A 62 -12.42 -0.88 21.68
CA THR A 62 -12.13 -2.18 21.14
C THR A 62 -11.08 -2.90 22.00
N LYS A 63 -11.20 -4.21 22.16
CA LYS A 63 -10.14 -4.99 22.85
C LYS A 63 -9.26 -5.55 21.72
N VAL A 64 -7.97 -5.24 21.74
CA VAL A 64 -7.07 -5.67 20.67
C VAL A 64 -5.83 -6.33 21.26
N GLU A 65 -5.32 -7.36 20.59
CA GLU A 65 -4.13 -8.08 21.00
C GLU A 65 -3.46 -8.53 19.70
N ARG A 66 -2.14 -8.68 19.75
CA ARG A 66 -1.47 -9.19 18.56
C ARG A 66 -0.21 -9.96 18.96
N GLY A 68 1.47 -13.26 14.90
CA GLY A 68 1.40 -13.00 13.47
C GLY A 68 0.01 -12.46 13.17
N SER A 69 -0.92 -12.69 14.09
CA SER A 69 -2.29 -12.19 13.91
C SER A 69 -2.58 -11.00 14.83
N VAL A 70 -3.70 -10.35 14.52
CA VAL A 70 -4.23 -9.29 15.36
C VAL A 70 -5.60 -9.84 15.72
N TRP A 71 -5.90 -9.93 17.01
CA TRP A 71 -7.22 -10.38 17.47
C TRP A 71 -8.01 -9.15 17.93
N ILE A 72 -9.28 -9.11 17.55
CA ILE A 72 -10.16 -7.98 17.81
C ILE A 72 -11.49 -8.36 18.42
N ASP A 73 -11.90 -7.62 19.44
CA ASP A 73 -13.22 -7.80 20.06
C ASP A 73 -13.82 -6.39 20.10
N ALA A 74 -14.69 -6.09 19.14
CA ALA A 74 -15.32 -4.77 19.04
C ALA A 74 -16.76 -4.83 19.60
N SER A 75 -17.08 -5.91 20.32
CA SER A 75 -18.43 -6.05 20.84
C SER A 75 -18.85 -4.88 21.71
N ASN A 76 -17.91 -4.31 22.46
CA ASN A 76 -18.14 -3.22 23.37
C ASN A 76 -17.52 -1.87 23.05
N VAL A 77 -17.45 -1.56 21.76
CA VAL A 77 -16.94 -0.26 21.34
C VAL A 77 -17.87 0.70 22.07
N ASN A 78 -17.33 1.73 22.72
CA ASN A 78 -18.17 2.59 23.52
C ASN A 78 -17.83 4.07 23.47
N ASN A 79 -16.91 4.45 22.59
CA ASN A 79 -16.45 5.83 22.49
C ASN A 79 -16.34 5.99 21.00
N PHE A 80 -17.00 7.01 20.47
CA PHE A 80 -17.07 7.12 19.03
C PHE A 80 -16.34 8.30 18.46
N SER A 81 -15.24 8.64 19.09
CA SER A 81 -14.46 9.75 18.65
C SER A 81 -12.95 9.43 18.59
N ALA A 82 -12.36 9.60 17.40
CA ALA A 82 -10.91 9.38 17.17
C ALA A 82 -10.28 10.74 17.40
N PRO A 83 -9.54 10.90 18.50
CA PRO A 83 -8.92 12.19 18.82
C PRO A 83 -7.62 12.54 18.12
N TYR A 84 -7.37 13.86 18.09
CA TYR A 84 -6.18 14.39 17.49
C TYR A 84 -4.86 13.68 17.82
N ASP A 85 -4.63 13.40 19.11
CA ASP A 85 -3.35 12.81 19.46
C ASP A 85 -3.12 11.40 18.92
N LEU A 86 -4.21 10.71 18.62
CA LEU A 86 -4.09 9.34 18.11
C LEU A 86 -4.21 9.30 16.61
N VAL A 87 -4.65 10.39 15.97
CA VAL A 87 -4.75 10.37 14.51
C VAL A 87 -3.69 11.19 13.77
N LYS A 88 -2.97 12.04 14.51
CA LYS A 88 -2.06 12.99 13.87
C LYS A 88 -0.91 12.42 13.03
N THR A 89 -0.57 11.16 13.20
CA THR A 89 0.51 10.58 12.40
C THR A 89 -0.04 9.68 11.28
N MET A 90 -1.36 9.59 11.15
CA MET A 90 -1.90 8.65 10.15
C MET A 90 -3.21 9.06 9.48
N ARG A 91 -3.13 9.50 8.23
CA ARG A 91 -4.31 9.89 7.52
C ARG A 91 -5.38 8.78 7.39
N ALA A 92 -4.93 7.53 7.47
CA ALA A 92 -5.85 6.39 7.34
C ALA A 92 -6.86 6.33 8.50
N SER A 93 -6.60 7.08 9.57
CA SER A 93 -7.50 7.16 10.74
C SER A 93 -8.90 7.54 10.29
N ILE A 94 -9.02 8.27 9.17
CA ILE A 94 -10.35 8.65 8.69
C ILE A 94 -11.25 7.41 8.45
N TRP A 95 -10.64 6.25 8.28
CA TRP A 95 -11.44 5.04 8.04
C TRP A 95 -12.29 4.60 9.26
N ALA A 96 -12.06 5.22 10.40
CA ALA A 96 -12.92 4.89 11.55
C ALA A 96 -14.31 5.50 11.38
N LEU A 97 -14.41 6.59 10.62
CA LEU A 97 -15.72 7.32 10.52
C LEU A 97 -16.89 6.50 9.99
N GLY A 98 -16.70 5.93 8.80
CA GLY A 98 -17.77 5.14 8.19
C GLY A 98 -18.26 4.00 9.06
N PRO A 99 -17.36 3.15 9.55
CA PRO A 99 -17.83 2.05 10.41
C PRO A 99 -18.60 2.54 11.67
N LEU A 100 -18.09 3.60 12.30
CA LEU A 100 -18.77 4.10 13.50
C LEU A 100 -20.20 4.61 13.16
N VAL A 101 -20.36 5.44 12.15
CA VAL A 101 -21.69 5.95 11.88
C VAL A 101 -22.60 4.82 11.35
N ALA A 102 -22.03 3.90 10.61
CA ALA A 102 -22.86 2.81 10.08
C ALA A 102 -23.37 1.86 11.16
N ARG A 103 -22.54 1.59 12.14
CA ARG A 103 -22.91 0.66 13.20
C ARG A 103 -23.64 1.29 14.40
N PHE A 104 -23.15 2.47 14.80
CA PHE A 104 -23.71 3.16 15.98
C PHE A 104 -24.54 4.39 15.72
N GLY A 105 -24.57 4.88 14.48
CA GLY A 105 -25.35 6.07 14.15
C GLY A 105 -24.64 7.39 14.42
N GLN A 106 -23.40 7.31 14.91
CA GLN A 106 -22.61 8.50 15.16
C GLN A 106 -21.13 8.15 15.23
N GLY A 107 -20.31 9.12 14.88
CA GLY A 107 -18.87 8.95 14.98
C GLY A 107 -18.20 10.23 14.57
N GLN A 108 -16.96 10.41 14.99
CA GLN A 108 -16.26 11.60 14.55
C GLN A 108 -14.76 11.33 14.53
N VAL A 109 -14.05 12.03 13.67
CA VAL A 109 -12.61 11.89 13.57
C VAL A 109 -11.97 13.26 13.51
N SER A 110 -10.93 13.46 14.33
CA SER A 110 -10.16 14.72 14.27
C SER A 110 -9.49 14.89 12.88
N LEU A 111 -9.46 16.14 12.39
CA LEU A 111 -8.78 16.49 11.12
C LEU A 111 -7.58 17.45 11.35
N PRO A 112 -6.36 16.91 11.40
CA PRO A 112 -5.16 17.75 11.61
C PRO A 112 -4.91 18.84 10.62
N GLY A 113 -5.40 18.68 9.40
CA GLY A 113 -5.23 19.72 8.39
C GLY A 113 -6.33 20.75 8.38
N GLY A 114 -7.20 20.68 9.37
CA GLY A 114 -8.28 21.65 9.44
C GLY A 114 -9.54 21.39 8.63
N CYS A 115 -10.53 22.27 8.80
CA CYS A 115 -11.82 22.13 8.10
C CYS A 115 -12.06 23.27 7.09
N ALA A 116 -10.99 24.01 6.76
CA ALA A 116 -11.08 25.12 5.82
C ALA A 116 -11.60 24.68 4.44
N ILE A 117 -12.36 25.56 3.78
CA ILE A 117 -12.89 25.22 2.44
C ILE A 117 -11.78 25.04 1.42
N GLY A 118 -12.04 24.15 0.47
CA GLY A 118 -11.09 23.83 -0.58
C GLY A 118 -11.20 22.33 -0.80
N ALA A 119 -10.59 21.80 -1.85
CA ALA A 119 -10.68 20.37 -2.13
C ALA A 119 -9.67 19.53 -1.35
N ARG A 120 -10.17 18.51 -0.67
CA ARG A 120 -9.33 17.62 0.14
C ARG A 120 -9.76 16.16 -0.05
N PRO A 121 -8.85 15.23 0.26
CA PRO A 121 -9.10 13.79 0.16
C PRO A 121 -10.40 13.38 0.87
N VAL A 122 -10.61 13.96 2.05
CA VAL A 122 -11.80 13.66 2.88
C VAL A 122 -13.14 14.01 2.22
N ASP A 123 -13.08 14.93 1.26
CA ASP A 123 -14.29 15.32 0.56
C ASP A 123 -15.03 14.12 -0.02
N LEU A 124 -14.35 13.21 -0.71
CA LEU A 124 -15.05 12.05 -1.29
C LEU A 124 -15.61 11.07 -0.24
N HIS A 125 -14.97 11.03 0.94
CA HIS A 125 -15.50 10.19 2.02
C HIS A 125 -16.81 10.84 2.49
N ILE A 126 -16.77 12.17 2.71
CA ILE A 126 -17.95 12.89 3.15
C ILE A 126 -19.09 12.73 2.12
N PHE A 127 -18.72 12.90 0.87
CA PHE A 127 -19.69 12.80 -0.20
C PHE A 127 -20.43 11.48 -0.11
N GLY A 128 -19.68 10.39 -0.06
CA GLY A 128 -20.30 9.07 0.01
C GLY A 128 -21.15 8.88 1.25
N LEU A 129 -20.64 9.27 2.41
CA LEU A 129 -21.45 9.08 3.62
C LEU A 129 -22.76 9.89 3.56
N GLU A 130 -22.70 11.10 3.02
CA GLU A 130 -23.90 11.91 2.90
C GLU A 130 -24.86 11.19 1.90
N LYS A 131 -24.33 10.58 0.85
CA LYS A 131 -25.23 9.87 -0.09
C LYS A 131 -25.94 8.72 0.60
N LEU A 132 -25.28 8.13 1.63
CA LEU A 132 -25.84 7.01 2.38
C LEU A 132 -26.79 7.49 3.48
N GLY A 133 -26.96 8.81 3.57
CA GLY A 133 -27.90 9.35 4.52
C GLY A 133 -27.35 9.95 5.78
N ALA A 134 -26.02 10.02 5.92
CA ALA A 134 -25.43 10.62 7.12
C ALA A 134 -25.43 12.14 7.02
N GLU A 135 -25.58 12.78 8.16
CA GLU A 135 -25.47 14.23 8.27
C GLU A 135 -24.00 14.40 8.68
N ILE A 136 -23.27 15.24 7.96
CA ILE A 136 -21.85 15.49 8.23
C ILE A 136 -21.68 16.93 8.70
N LYS A 137 -21.03 17.12 9.84
CA LYS A 137 -20.78 18.44 10.39
C LYS A 137 -19.28 18.58 10.55
N LEU A 138 -18.73 19.69 10.09
CA LEU A 138 -17.33 19.97 10.27
C LEU A 138 -17.30 21.05 11.36
N GLU A 139 -16.96 20.66 12.58
CA GLU A 139 -16.93 21.62 13.68
C GLU A 139 -15.87 21.26 14.70
N GLU A 140 -15.26 22.27 15.31
CA GLU A 140 -14.20 22.13 16.32
C GLU A 140 -13.10 21.13 15.98
N GLY A 141 -12.55 21.26 14.79
CA GLY A 141 -11.49 20.37 14.37
C GLY A 141 -11.85 18.92 14.04
N TYR A 142 -13.13 18.56 14.03
CA TYR A 142 -13.56 17.18 13.70
C TYR A 142 -14.46 17.08 12.46
N VAL A 143 -14.50 15.89 11.87
CA VAL A 143 -15.51 15.66 10.83
C VAL A 143 -16.42 14.77 11.68
N LYS A 144 -17.72 15.14 11.80
CA LYS A 144 -18.67 14.38 12.63
C LYS A 144 -19.79 13.87 11.75
N ALA A 145 -20.19 12.62 11.94
CA ALA A 145 -21.24 12.04 11.13
C ALA A 145 -22.33 11.50 12.07
N SER A 146 -23.60 11.55 11.63
CA SER A 146 -24.68 11.01 12.46
C SER A 146 -25.82 10.62 11.54
N VAL A 147 -26.63 9.69 12.00
CA VAL A 147 -27.81 9.27 11.23
C VAL A 147 -28.81 8.72 12.24
N ASN A 148 -30.09 8.94 11.96
CA ASN A 148 -31.17 8.42 12.82
C ASN A 148 -31.44 7.03 12.28
N GLY A 149 -31.11 6.01 13.06
CA GLY A 149 -31.30 4.67 12.59
C GLY A 149 -30.20 4.25 11.59
N ARG A 150 -30.52 3.34 10.68
CA ARG A 150 -29.53 2.86 9.74
C ARG A 150 -29.31 3.76 8.50
N LEU A 151 -28.11 3.65 7.92
CA LEU A 151 -27.81 4.35 6.68
C LEU A 151 -28.73 3.70 5.62
N LYS A 152 -28.89 4.33 4.48
CA LYS A 152 -29.75 3.74 3.43
C LYS A 152 -28.96 3.62 2.14
N GLY A 153 -29.07 2.48 1.47
CA GLY A 153 -28.31 2.30 0.24
C GLY A 153 -28.61 3.34 -0.82
N ALA A 154 -27.60 3.68 -1.61
CA ALA A 154 -27.74 4.66 -2.69
C ALA A 154 -26.86 4.28 -3.88
N HIS A 155 -27.18 4.88 -5.04
CA HIS A 155 -26.37 4.68 -6.24
C HIS A 155 -25.39 5.86 -6.17
N ILE A 156 -24.12 5.55 -5.99
CA ILE A 156 -23.11 6.58 -5.77
C ILE A 156 -22.04 6.63 -6.86
N VAL A 157 -22.01 7.72 -7.61
CA VAL A 157 -20.99 7.87 -8.64
C VAL A 157 -19.85 8.70 -8.11
N MET A 158 -18.69 8.06 -7.94
CA MET A 158 -17.50 8.74 -7.45
C MET A 158 -16.95 9.50 -8.64
N ASP A 159 -16.66 10.78 -8.47
CA ASP A 159 -16.16 11.48 -9.65
C ASP A 159 -14.65 11.37 -9.84
N LYS A 160 -13.99 10.66 -8.93
CA LYS A 160 -12.55 10.38 -8.99
C LYS A 160 -12.40 8.98 -8.39
N VAL A 161 -11.48 8.19 -8.93
CA VAL A 161 -11.27 6.84 -8.42
C VAL A 161 -10.44 7.05 -7.14
N SER A 162 -10.93 6.54 -6.01
CA SER A 162 -10.24 6.78 -4.73
C SER A 162 -10.26 5.53 -3.86
N VAL A 163 -9.08 4.99 -3.54
CA VAL A 163 -9.05 3.82 -2.64
C VAL A 163 -9.67 4.20 -1.29
N GLY A 164 -9.28 5.35 -0.74
CA GLY A 164 -9.79 5.72 0.58
C GLY A 164 -11.28 5.82 0.68
N ALA A 165 -11.90 6.56 -0.26
CA ALA A 165 -13.34 6.72 -0.23
C ALA A 165 -14.06 5.44 -0.63
N THR A 166 -13.46 4.66 -1.53
CA THR A 166 -14.12 3.39 -1.87
C THR A 166 -14.27 2.52 -0.62
N VAL A 167 -13.20 2.44 0.16
CA VAL A 167 -13.24 1.67 1.40
C VAL A 167 -14.27 2.22 2.39
N THR A 168 -14.28 3.53 2.59
CA THR A 168 -15.22 4.14 3.52
C THR A 168 -16.67 3.82 3.15
N ILE A 169 -16.97 3.98 1.87
CA ILE A 169 -18.33 3.81 1.41
C ILE A 169 -18.75 2.34 1.40
N MET A 170 -17.90 1.47 0.85
CA MET A 170 -18.23 0.05 0.82
C MET A 170 -18.39 -0.49 2.24
N SER A 171 -17.50 -0.10 3.17
CA SER A 171 -17.62 -0.65 4.51
C SER A 171 -18.91 -0.17 5.21
N ALA A 172 -19.20 1.12 5.12
CA ALA A 172 -20.40 1.64 5.79
C ALA A 172 -21.66 1.05 5.15
N ALA A 173 -21.61 0.84 3.83
CA ALA A 173 -22.78 0.32 3.13
C ALA A 173 -23.19 -1.09 3.58
N THR A 174 -22.26 -1.84 4.15
CA THR A 174 -22.55 -3.21 4.58
C THR A 174 -23.66 -3.32 5.63
N LEU A 175 -23.89 -2.23 6.38
CA LEU A 175 -24.92 -2.23 7.45
C LEU A 175 -26.10 -1.32 7.08
N ALA A 176 -26.08 -0.74 5.89
CA ALA A 176 -27.18 0.14 5.49
C ALA A 176 -28.41 -0.71 5.13
N GLU A 177 -29.55 -0.05 5.03
CA GLU A 177 -30.77 -0.73 4.60
C GLU A 177 -30.81 -0.58 3.09
N GLY A 178 -30.91 -1.70 2.39
CA GLY A 178 -30.95 -1.63 0.94
C GLY A 178 -29.63 -1.86 0.23
N THR A 179 -29.61 -1.54 -1.06
CA THR A 179 -28.46 -1.76 -1.90
C THR A 179 -27.74 -0.48 -2.29
N THR A 180 -26.41 -0.57 -2.24
CA THR A 180 -25.53 0.52 -2.61
C THR A 180 -24.75 0.09 -3.83
N ILE A 181 -24.65 1.00 -4.81
CA ILE A 181 -23.84 0.68 -5.98
C ILE A 181 -22.84 1.80 -6.11
N ILE A 182 -21.54 1.45 -6.02
CA ILE A 182 -20.47 2.43 -6.11
C ILE A 182 -19.92 2.38 -7.55
N GLU A 183 -20.03 3.49 -8.29
CA GLU A 183 -19.49 3.56 -9.65
C GLU A 183 -18.12 4.25 -9.58
N ASN A 184 -17.23 3.88 -10.49
CA ASN A 184 -15.81 4.36 -10.49
C ASN A 184 -15.11 3.97 -9.18
N ALA A 185 -15.41 2.78 -8.71
CA ALA A 185 -14.76 2.25 -7.52
C ALA A 185 -13.29 1.94 -7.81
N ALA A 186 -12.46 2.13 -6.79
CA ALA A 186 -11.06 1.76 -6.93
C ALA A 186 -11.00 0.23 -7.04
N ARG A 187 -10.08 -0.27 -7.85
CA ARG A 187 -10.00 -1.70 -8.13
C ARG A 187 -8.86 -2.43 -7.45
N GLU A 188 -8.06 -1.71 -6.67
CA GLU A 188 -6.90 -2.32 -5.99
C GLU A 188 -7.12 -3.66 -5.31
N PRO A 189 -6.10 -4.55 -5.33
CA PRO A 189 -6.29 -5.85 -4.66
C PRO A 189 -6.64 -5.66 -3.18
N GLU A 190 -6.18 -4.55 -2.59
CA GLU A 190 -6.47 -4.30 -1.16
C GLU A 190 -7.97 -4.02 -0.94
N ILE A 191 -8.64 -3.47 -1.97
CA ILE A 191 -10.10 -3.23 -1.91
C ILE A 191 -10.76 -4.61 -2.00
N VAL A 192 -10.28 -5.47 -2.91
CA VAL A 192 -10.86 -6.81 -3.02
C VAL A 192 -10.71 -7.57 -1.66
N ASP A 193 -9.54 -7.44 -1.04
CA ASP A 193 -9.29 -8.12 0.23
C ASP A 193 -10.24 -7.60 1.32
N THR A 194 -10.44 -6.29 1.36
CA THR A 194 -11.32 -5.70 2.39
C THR A 194 -12.75 -6.17 2.15
N ALA A 195 -13.13 -6.23 0.88
CA ALA A 195 -14.47 -6.68 0.55
C ALA A 195 -14.67 -8.14 1.01
N ASN A 196 -13.68 -8.97 0.73
CA ASN A 196 -13.82 -10.39 1.08
C ASN A 196 -13.80 -10.58 2.58
N PHE A 197 -13.05 -9.74 3.28
CA PHE A 197 -13.07 -9.78 4.76
C PHE A 197 -14.50 -9.45 5.25
N LEU A 198 -15.10 -8.39 4.70
CA LEU A 198 -16.44 -7.99 5.09
C LEU A 198 -17.41 -9.11 4.79
N VAL A 199 -17.26 -9.76 3.63
CA VAL A 199 -18.15 -10.87 3.31
C VAL A 199 -17.98 -12.02 4.32
N ALA A 200 -16.75 -12.26 4.75
CA ALA A 200 -16.49 -13.31 5.74
C ALA A 200 -17.26 -13.02 7.03
N LEU A 201 -17.51 -11.74 7.32
CA LEU A 201 -18.22 -11.39 8.56
C LEU A 201 -19.72 -11.48 8.38
N GLY A 202 -20.15 -11.66 7.13
CA GLY A 202 -21.56 -11.74 6.80
C GLY A 202 -22.09 -10.70 5.81
N ALA A 203 -21.21 -9.83 5.30
CA ALA A 203 -21.68 -8.82 4.36
C ALA A 203 -21.96 -9.47 3.02
N LYS A 204 -22.64 -8.72 2.17
CA LYS A 204 -23.01 -9.16 0.83
C LYS A 204 -22.41 -8.12 -0.12
N ILE A 205 -21.34 -8.51 -0.83
CA ILE A 205 -20.64 -7.59 -1.73
C ILE A 205 -20.21 -8.32 -2.98
N SER A 206 -20.42 -7.69 -4.13
CA SER A 206 -19.98 -8.28 -5.40
C SER A 206 -19.45 -7.17 -6.31
N GLY A 207 -18.59 -7.58 -7.26
CA GLY A 207 -18.03 -6.62 -8.20
C GLY A 207 -16.70 -6.05 -7.72
N GLN A 208 -16.29 -6.43 -6.50
CA GLN A 208 -15.01 -5.91 -6.01
C GLN A 208 -13.89 -6.31 -6.99
N GLY A 209 -13.03 -5.34 -7.33
CA GLY A 209 -11.95 -5.59 -8.28
C GLY A 209 -12.34 -4.99 -9.63
N THR A 210 -13.63 -4.64 -9.77
CA THR A 210 -14.13 -4.00 -11.00
C THR A 210 -14.47 -2.56 -10.67
N ASP A 211 -14.85 -1.81 -11.70
CA ASP A 211 -15.15 -0.39 -11.48
C ASP A 211 -16.50 -0.18 -10.79
N ARG A 212 -17.24 -1.25 -10.53
CA ARG A 212 -18.56 -1.12 -9.94
C ARG A 212 -18.79 -2.15 -8.84
N ILE A 213 -18.98 -1.66 -7.61
CA ILE A 213 -19.19 -2.56 -6.47
C ILE A 213 -20.62 -2.44 -5.96
N THR A 214 -21.25 -3.60 -5.74
CA THR A 214 -22.62 -3.65 -5.26
C THR A 214 -22.64 -4.29 -3.89
N ILE A 215 -23.23 -3.56 -2.94
CA ILE A 215 -23.33 -4.02 -1.54
C ILE A 215 -24.80 -4.14 -1.15
N GLU A 216 -25.23 -5.29 -0.63
CA GLU A 216 -26.62 -5.36 -0.17
C GLU A 216 -26.47 -5.34 1.37
N GLY A 217 -26.99 -4.31 2.02
CA GLY A 217 -26.79 -4.18 3.46
C GLY A 217 -27.44 -5.25 4.31
N VAL A 218 -26.84 -5.52 5.48
CA VAL A 218 -27.42 -6.49 6.41
C VAL A 218 -27.53 -5.82 7.77
N GLU A 219 -28.27 -6.42 8.70
CA GLU A 219 -28.50 -5.80 9.99
C GLU A 219 -27.26 -5.76 10.89
N ARG A 220 -26.47 -6.82 10.86
CA ARG A 220 -25.30 -6.85 11.72
C ARG A 220 -24.27 -7.80 11.14
N LEU A 221 -23.01 -7.60 11.51
CA LEU A 221 -21.92 -8.45 11.05
C LEU A 221 -21.45 -9.26 12.26
N GLY A 222 -20.94 -10.44 11.96
CA GLY A 222 -20.47 -11.36 13.00
C GLY A 222 -18.99 -11.29 13.35
N GLY A 223 -18.29 -12.38 13.12
CA GLY A 223 -16.87 -12.44 13.43
C GLY A 223 -16.24 -13.53 12.57
N GLY A 224 -15.01 -13.90 12.88
CA GLY A 224 -14.35 -14.94 12.11
C GLY A 224 -12.85 -14.79 12.03
N VAL A 225 -12.26 -15.50 11.08
CA VAL A 225 -10.81 -15.49 10.86
C VAL A 225 -10.58 -15.16 9.40
N TYR A 226 -9.64 -14.27 9.14
CA TYR A 226 -9.34 -13.88 7.77
C TYR A 226 -7.85 -13.58 7.67
N ARG A 227 -7.25 -14.02 6.55
CA ARG A 227 -5.81 -13.83 6.32
C ARG A 227 -5.58 -12.73 5.28
N VAL A 228 -4.82 -11.71 5.68
CA VAL A 228 -4.53 -10.58 4.79
C VAL A 228 -3.69 -11.08 3.61
N LEU A 229 -3.99 -10.57 2.42
CA LEU A 229 -3.25 -10.96 1.20
C LEU A 229 -1.80 -10.43 1.20
N PRO A 230 -0.92 -11.02 0.39
CA PRO A 230 0.51 -10.61 0.32
C PRO A 230 0.69 -9.19 -0.21
N ASP A 231 1.76 -8.54 0.24
CA ASP A 231 2.11 -7.20 -0.20
C ASP A 231 2.70 -7.28 -1.63
N ARG A 232 1.93 -6.87 -2.64
CA ARG A 232 2.37 -6.91 -4.06
C ARG A 232 3.54 -5.96 -4.35
N ILE A 233 3.65 -4.86 -3.61
CA ILE A 233 4.73 -3.91 -3.91
C ILE A 233 6.02 -4.44 -3.31
N GLU A 234 5.94 -5.02 -2.11
CA GLU A 234 7.15 -5.66 -1.55
C GLU A 234 7.60 -6.78 -2.55
N THR A 235 6.64 -7.53 -3.05
CA THR A 235 6.95 -8.58 -3.99
C THR A 235 7.63 -8.01 -5.22
N GLY A 236 7.04 -6.97 -5.80
CA GLY A 236 7.65 -6.36 -6.99
C GLY A 236 9.06 -5.87 -6.70
N THR A 237 9.26 -5.33 -5.51
CA THR A 237 10.57 -4.81 -5.16
C THR A 237 11.63 -5.93 -5.18
N PHE A 238 11.33 -7.09 -4.59
CA PHE A 238 12.29 -8.18 -4.58
C PHE A 238 12.46 -8.77 -5.98
N LEU A 239 11.40 -8.80 -6.78
CA LEU A 239 11.56 -9.30 -8.18
C LEU A 239 12.52 -8.35 -8.94
N VAL A 240 12.34 -7.05 -8.76
CA VAL A 240 13.24 -6.10 -9.42
C VAL A 240 14.67 -6.29 -8.87
N ALA A 241 14.79 -6.58 -7.58
CA ALA A 241 16.12 -6.79 -6.99
C ALA A 241 16.87 -7.89 -7.77
N ALA A 242 16.19 -8.97 -8.07
CA ALA A 242 16.84 -10.02 -8.83
C ALA A 242 17.01 -9.59 -10.29
N ALA A 243 16.03 -8.89 -10.85
CA ALA A 243 16.10 -8.50 -12.27
C ALA A 243 17.24 -7.54 -12.62
N ILE A 244 17.66 -6.72 -11.67
CA ILE A 244 18.72 -5.77 -11.98
C ILE A 244 20.13 -6.24 -11.60
N SER A 245 20.23 -7.43 -10.98
CA SER A 245 21.51 -7.94 -10.49
C SER A 245 21.91 -9.27 -11.14
N GLY A 246 21.26 -9.59 -12.25
CA GLY A 246 21.54 -10.84 -12.96
C GLY A 246 21.21 -12.05 -12.11
N GLY A 247 20.32 -11.86 -11.13
CA GLY A 247 19.97 -12.93 -10.21
C GLY A 247 18.79 -13.81 -10.51
N LYS A 248 18.40 -14.57 -9.49
CA LYS A 248 17.31 -15.53 -9.60
C LYS A 248 16.63 -15.55 -8.23
N ILE A 249 15.31 -15.46 -8.20
CA ILE A 249 14.67 -15.44 -6.90
C ILE A 249 13.33 -16.13 -6.96
N VAL A 250 12.91 -16.66 -5.81
CA VAL A 250 11.59 -17.21 -5.70
C VAL A 250 10.92 -16.42 -4.54
N CYS A 251 9.77 -15.81 -4.81
CA CYS A 251 9.05 -15.09 -3.75
C CYS A 251 7.98 -16.07 -3.27
N ARG A 252 8.02 -16.37 -1.98
CA ARG A 252 7.05 -17.26 -1.31
C ARG A 252 5.94 -16.42 -0.66
N ASN A 253 4.80 -17.07 -0.36
CA ASN A 253 3.62 -16.35 0.20
C ASN A 253 3.27 -15.17 -0.69
N ALA A 254 3.20 -15.45 -2.00
CA ALA A 254 2.92 -14.40 -2.97
C ALA A 254 1.59 -14.64 -3.64
N GLN A 255 1.10 -13.62 -4.35
CA GLN A 255 -0.17 -13.76 -5.06
C GLN A 255 0.05 -13.21 -6.45
N PRO A 256 0.42 -14.10 -7.40
CA PRO A 256 0.66 -13.66 -8.78
C PRO A 256 -0.34 -12.78 -9.48
N ASP A 257 -1.64 -13.01 -9.27
CA ASP A 257 -2.62 -12.22 -9.99
C ASP A 257 -2.75 -10.77 -9.58
N THR A 258 -2.04 -10.38 -8.51
CA THR A 258 -2.04 -8.97 -8.10
C THR A 258 -0.96 -8.19 -8.87
N LEU A 259 -0.17 -8.90 -9.69
CA LEU A 259 0.95 -8.25 -10.39
C LEU A 259 1.03 -8.48 -11.90
N ASP A 260 -0.12 -8.67 -12.53
CA ASP A 260 -0.12 -8.89 -13.98
C ASP A 260 0.75 -7.89 -14.77
N ALA A 261 0.56 -6.60 -14.55
CA ALA A 261 1.31 -5.59 -15.31
C ALA A 261 2.79 -5.60 -14.95
N VAL A 262 3.11 -5.80 -13.68
CA VAL A 262 4.51 -5.82 -13.29
C VAL A 262 5.24 -7.03 -13.91
N LEU A 263 4.62 -8.22 -13.85
CA LEU A 263 5.27 -9.40 -14.40
C LEU A 263 5.42 -9.29 -15.91
N ALA A 264 4.42 -8.70 -16.56
CA ALA A 264 4.51 -8.54 -18.04
C ALA A 264 5.66 -7.56 -18.37
N LYS A 265 5.82 -6.52 -17.57
CA LYS A 265 6.90 -5.56 -17.82
C LYS A 265 8.27 -6.17 -17.53
N LEU A 266 8.35 -7.05 -16.54
CA LEU A 266 9.63 -7.70 -16.26
C LEU A 266 9.95 -8.68 -17.41
N ARG A 267 8.94 -9.37 -17.95
CA ARG A 267 9.25 -10.26 -19.06
C ARG A 267 9.79 -9.43 -20.23
N GLU A 268 9.25 -8.21 -20.44
CA GLU A 268 9.77 -7.34 -21.53
C GLU A 268 11.21 -6.97 -21.27
N ALA A 269 11.60 -6.88 -20.00
CA ALA A 269 13.00 -6.55 -19.69
C ALA A 269 13.93 -7.75 -19.78
N GLY A 270 13.37 -8.90 -20.17
CA GLY A 270 14.15 -10.10 -20.35
C GLY A 270 14.12 -11.13 -19.24
N ALA A 271 13.26 -10.96 -18.23
CA ALA A 271 13.22 -11.93 -17.14
C ALA A 271 12.46 -13.19 -17.54
N ASP A 272 12.91 -14.33 -17.00
CA ASP A 272 12.26 -15.62 -17.24
C ASP A 272 11.42 -15.80 -15.96
N ILE A 273 10.11 -15.69 -16.09
CA ILE A 273 9.23 -15.80 -14.93
C ILE A 273 8.27 -17.00 -14.95
N GLU A 274 8.14 -17.65 -13.80
CA GLU A 274 7.15 -18.71 -13.65
C GLU A 274 6.35 -18.40 -12.38
N THR A 275 5.13 -18.88 -12.33
CA THR A 275 4.30 -18.63 -11.14
C THR A 275 3.56 -19.87 -10.70
N GLY A 276 3.23 -19.91 -9.41
CA GLY A 276 2.47 -21.00 -8.87
C GLY A 276 1.26 -20.39 -8.14
N GLU A 277 0.59 -21.19 -7.33
CA GLU A 277 -0.54 -20.68 -6.60
C GLU A 277 -0.10 -19.59 -5.60
N ASP A 278 1.05 -19.79 -4.99
CA ASP A 278 1.52 -18.87 -3.97
C ASP A 278 2.99 -18.52 -4.07
N TRP A 279 3.51 -18.54 -5.30
CA TRP A 279 4.91 -18.21 -5.48
C TRP A 279 5.16 -17.65 -6.88
N ILE A 280 6.22 -16.88 -7.02
CA ILE A 280 6.61 -16.31 -8.31
C ILE A 280 8.13 -16.49 -8.37
N SER A 281 8.64 -17.03 -9.48
CA SER A 281 10.09 -17.15 -9.60
C SER A 281 10.51 -16.24 -10.76
N LEU A 282 11.69 -15.65 -10.62
CA LEU A 282 12.26 -14.78 -11.65
C LEU A 282 13.72 -15.18 -11.82
N ASP A 283 14.15 -15.36 -13.08
CA ASP A 283 15.54 -15.74 -13.33
C ASP A 283 16.07 -14.88 -14.49
N MET A 284 17.15 -14.15 -14.26
CA MET A 284 17.76 -13.35 -15.33
C MET A 284 18.79 -14.17 -16.14
N HIS A 285 19.10 -15.39 -15.68
CA HIS A 285 20.12 -16.22 -16.36
C HIS A 285 21.41 -15.41 -16.49
N GLY A 286 21.70 -14.65 -15.43
CA GLY A 286 22.88 -13.82 -15.39
C GLY A 286 22.92 -12.62 -16.33
N LYS A 287 21.84 -12.31 -17.02
CA LYS A 287 21.81 -11.21 -17.99
C LYS A 287 21.33 -9.86 -17.47
N ARG A 288 21.88 -8.80 -18.07
CA ARG A 288 21.53 -7.41 -17.78
C ARG A 288 20.13 -7.21 -18.35
N PRO A 289 19.32 -6.36 -17.67
CA PRO A 289 17.98 -6.15 -18.20
C PRO A 289 17.97 -5.32 -19.49
N LYS A 290 16.87 -5.39 -20.24
CA LYS A 290 16.68 -4.63 -21.47
C LYS A 290 15.72 -3.49 -21.10
N ALA A 291 15.96 -2.27 -21.61
CA ALA A 291 15.14 -1.12 -21.33
C ALA A 291 13.69 -1.31 -21.69
N VAL A 292 12.80 -0.78 -20.87
CA VAL A 292 11.37 -0.90 -21.10
C VAL A 292 10.65 0.46 -21.02
N THR A 293 9.43 0.51 -21.56
CA THR A 293 8.60 1.71 -21.48
C THR A 293 7.63 1.45 -20.31
N VAL A 294 7.51 2.41 -19.41
CA VAL A 294 6.60 2.26 -18.27
C VAL A 294 5.67 3.46 -18.19
N ARG A 295 4.39 3.17 -17.98
CA ARG A 295 3.40 4.22 -17.83
C ARG A 295 2.53 3.83 -16.65
N THR A 296 2.60 4.59 -15.56
CA THR A 296 1.79 4.28 -14.37
C THR A 296 0.33 4.65 -14.62
N ALA A 297 -0.59 3.92 -14.01
CA ALA A 297 -2.01 4.17 -14.15
C ALA A 297 -2.71 3.39 -13.04
N PRO A 298 -4.02 3.66 -12.81
CA PRO A 298 -4.75 2.95 -11.74
C PRO A 298 -4.78 1.43 -11.92
N HIS A 299 -4.77 0.72 -10.80
CA HIS A 299 -4.79 -0.73 -10.88
C HIS A 299 -6.00 -1.14 -11.74
N PRO A 300 -5.89 -2.24 -12.50
CA PRO A 300 -4.82 -3.22 -12.71
C PRO A 300 -3.65 -2.87 -13.63
N ALA A 301 -3.55 -1.61 -14.04
CA ALA A 301 -2.45 -1.18 -14.89
C ALA A 301 -1.18 -1.07 -14.02
N PHE A 302 -0.06 -0.62 -14.63
CA PHE A 302 1.21 -0.55 -13.93
C PHE A 302 1.13 0.39 -12.71
N PRO A 303 1.52 -0.10 -11.53
CA PRO A 303 1.47 0.68 -10.29
C PRO A 303 2.51 1.76 -10.04
N THR A 304 2.06 2.94 -9.60
CA THR A 304 3.00 3.99 -9.33
C THR A 304 3.96 3.59 -8.19
N ASP A 305 3.52 2.71 -7.29
CA ASP A 305 4.41 2.32 -6.19
C ASP A 305 5.58 1.44 -6.63
N MET A 306 5.61 1.03 -7.91
CA MET A 306 6.77 0.30 -8.46
C MET A 306 7.58 1.19 -9.43
N GLN A 307 7.19 2.46 -9.59
CA GLN A 307 7.86 3.33 -10.59
C GLN A 307 9.32 3.60 -10.28
N ALA A 308 9.62 3.90 -9.02
CA ALA A 308 11.01 4.17 -8.71
C ALA A 308 11.88 2.94 -8.99
N GLN A 309 11.35 1.75 -8.66
CA GLN A 309 12.13 0.53 -8.83
C GLN A 309 12.35 0.26 -10.28
N PHE A 310 11.34 0.51 -11.12
CA PHE A 310 11.55 0.28 -12.57
C PHE A 310 12.39 1.40 -13.18
N THR A 311 12.40 2.61 -12.57
CA THR A 311 13.31 3.65 -13.06
C THR A 311 14.76 3.12 -12.88
N LEU A 312 15.05 2.55 -11.71
CA LEU A 312 16.38 1.98 -11.46
C LEU A 312 16.67 0.84 -12.48
N LEU A 313 15.71 -0.04 -12.72
CA LEU A 313 15.94 -1.12 -13.68
C LEU A 313 16.35 -0.52 -15.05
N ASN A 314 15.63 0.50 -15.52
CA ASN A 314 15.98 1.11 -16.81
C ASN A 314 17.36 1.78 -16.76
N LEU A 315 17.72 2.34 -15.61
CA LEU A 315 19.02 3.01 -15.54
C LEU A 315 20.22 2.08 -15.56
N VAL A 316 20.00 0.77 -15.36
CA VAL A 316 21.11 -0.16 -15.53
C VAL A 316 20.83 -1.14 -16.67
N ALA A 317 19.83 -0.81 -17.47
CA ALA A 317 19.46 -1.71 -18.57
C ALA A 317 20.22 -1.38 -19.85
N GLU A 318 20.02 -2.23 -20.85
CA GLU A 318 20.60 -2.03 -22.18
C GLU A 318 19.53 -1.25 -22.96
N GLY A 319 19.83 -0.02 -23.35
CA GLY A 319 18.86 0.77 -24.11
C GLY A 319 18.33 2.01 -23.39
N THR A 320 17.54 2.79 -24.12
CA THR A 320 16.93 3.99 -23.59
C THR A 320 15.45 3.66 -23.39
N GLY A 321 14.98 3.88 -22.16
CA GLY A 321 13.58 3.61 -21.86
C GLY A 321 12.97 4.81 -21.19
N VAL A 322 11.63 4.96 -21.28
CA VAL A 322 10.96 6.11 -20.70
C VAL A 322 9.95 5.71 -19.63
N ILE A 323 10.02 6.39 -18.49
CA ILE A 323 9.10 6.15 -17.35
C ILE A 323 8.14 7.35 -17.36
N THR A 324 6.83 7.09 -17.43
CA THR A 324 5.85 8.16 -17.39
C THR A 324 4.98 7.93 -16.16
N GLU A 325 4.88 8.97 -15.36
CA GLU A 325 4.16 8.93 -14.10
C GLU A 325 2.92 9.79 -14.29
N THR A 326 1.76 9.15 -14.26
CA THR A 326 0.50 9.86 -14.43
C THR A 326 -0.23 10.08 -13.10
N ILE A 327 0.14 9.33 -12.06
CA ILE A 327 -0.56 9.40 -10.77
C ILE A 327 -0.08 10.52 -9.86
N PHE A 328 1.24 10.65 -9.77
CA PHE A 328 1.90 11.71 -9.02
C PHE A 328 2.96 12.06 -10.08
N GLU A 329 2.55 12.77 -11.12
CA GLU A 329 3.45 13.12 -12.24
C GLU A 329 4.74 13.87 -11.86
N ASN A 330 5.18 13.66 -10.61
CA ASN A 330 6.31 14.36 -10.00
C ASN A 330 6.97 13.52 -8.88
N ARG A 331 6.88 12.21 -8.97
CA ARG A 331 7.46 11.38 -7.92
C ARG A 331 8.84 10.93 -8.38
N PHE A 332 9.76 11.88 -8.61
CA PHE A 332 11.08 11.53 -9.15
C PHE A 332 12.32 11.84 -8.34
N MET A 333 12.20 11.98 -7.02
CA MET A 333 13.38 12.33 -6.22
C MET A 333 14.48 11.29 -6.21
N HIS A 334 14.17 10.05 -6.58
CA HIS A 334 15.20 9.07 -6.65
C HIS A 334 16.14 9.41 -7.84
N VAL A 335 15.64 10.12 -8.85
CA VAL A 335 16.47 10.35 -10.06
C VAL A 335 17.79 11.09 -9.84
N PRO A 336 17.75 12.24 -9.18
CA PRO A 336 19.03 12.95 -8.96
C PRO A 336 20.04 12.16 -8.09
N GLU A 337 19.55 11.36 -7.14
CA GLU A 337 20.43 10.54 -6.32
C GLU A 337 21.06 9.40 -7.17
N LEU A 338 20.27 8.77 -8.06
CA LEU A 338 20.80 7.74 -8.95
C LEU A 338 21.81 8.35 -9.96
N ILE A 339 21.59 9.59 -10.37
CA ILE A 339 22.54 10.25 -11.26
C ILE A 339 23.86 10.42 -10.51
N ARG A 340 23.77 10.69 -9.21
CA ARG A 340 25.02 10.79 -8.44
C ARG A 340 25.72 9.46 -8.32
N MET A 341 25.01 8.36 -8.57
CA MET A 341 25.67 7.06 -8.53
C MET A 341 26.08 6.67 -9.96
N GLY A 342 26.04 7.62 -10.89
CA GLY A 342 26.47 7.31 -12.25
C GLY A 342 25.40 7.10 -13.31
N ALA A 343 24.14 7.21 -12.92
CA ALA A 343 23.07 7.02 -13.91
C ALA A 343 22.97 8.20 -14.86
N HIS A 344 22.35 7.95 -16.01
CA HIS A 344 22.15 8.96 -17.06
C HIS A 344 20.65 9.04 -17.35
N ALA A 345 20.07 10.19 -17.01
CA ALA A 345 18.66 10.38 -17.20
C ALA A 345 18.29 11.87 -17.27
N GLU A 346 17.20 12.19 -17.95
CA GLU A 346 16.72 13.60 -17.97
C GLU A 346 15.24 13.61 -17.56
N ILE A 347 14.88 14.44 -16.57
CA ILE A 347 13.48 14.56 -16.14
C ILE A 347 12.83 15.62 -17.00
N GLU A 348 11.81 15.24 -17.76
CA GLU A 348 11.12 16.23 -18.56
C GLU A 348 9.62 16.11 -18.37
N SER A 349 9.00 17.14 -17.83
CA SER A 349 7.56 17.09 -17.62
C SER A 349 7.35 15.96 -16.59
N ASN A 350 6.38 15.09 -16.87
CA ASN A 350 6.04 13.98 -15.97
C ASN A 350 6.71 12.68 -16.44
N THR A 351 7.90 12.81 -17.03
CA THR A 351 8.61 11.65 -17.52
C THR A 351 10.09 11.67 -17.22
N VAL A 352 10.68 10.47 -17.16
CA VAL A 352 12.12 10.36 -16.98
C VAL A 352 12.64 9.56 -18.18
N ILE A 353 13.58 10.16 -18.93
CA ILE A 353 14.17 9.48 -20.07
C ILE A 353 15.45 8.82 -19.56
N CYS A 354 15.45 7.50 -19.51
CA CYS A 354 16.56 6.72 -18.97
C CYS A 354 17.54 6.22 -20.03
N HIS A 355 18.84 6.41 -19.84
CA HIS A 355 19.79 5.87 -20.82
C HIS A 355 20.62 4.88 -19.99
N GLY A 356 20.34 3.60 -20.13
CA GLY A 356 21.01 2.62 -19.29
C GLY A 356 22.52 2.57 -19.34
N VAL A 357 23.14 2.37 -18.18
CA VAL A 357 24.60 2.22 -18.09
C VAL A 357 24.93 0.84 -17.52
N GLU A 358 26.15 0.38 -17.76
CA GLU A 358 26.53 -0.94 -17.29
C GLU A 358 26.67 -1.04 -15.79
N LYS A 359 27.26 -0.02 -15.20
CA LYS A 359 27.42 -0.10 -13.75
C LYS A 359 27.30 1.22 -13.01
N LEU A 360 26.73 1.16 -11.82
CA LEU A 360 26.59 2.35 -10.97
C LEU A 360 27.77 2.37 -10.01
N SER A 361 27.98 3.51 -9.34
CA SER A 361 29.08 3.62 -8.36
C SER A 361 28.47 4.01 -7.00
N GLY A 362 29.09 3.56 -5.91
CA GLY A 362 28.49 3.84 -4.63
C GLY A 362 28.48 5.31 -4.28
N ALA A 363 27.49 5.75 -3.50
CA ALA A 363 27.47 7.15 -3.08
C ALA A 363 26.63 7.24 -1.82
N GLN A 364 26.70 8.41 -1.17
CA GLN A 364 25.86 8.65 0.01
C GLN A 364 24.56 9.25 -0.59
N VAL A 365 23.44 8.60 -0.33
CA VAL A 365 22.19 9.00 -0.94
C VAL A 365 21.04 8.98 0.04
N MET A 366 19.95 9.64 -0.32
CA MET A 366 18.81 9.73 0.60
C MET A 366 17.57 10.18 -0.14
N ALA A 367 16.44 9.58 0.21
CA ALA A 367 15.14 9.96 -0.33
C ALA A 367 14.06 9.75 0.76
N THR A 368 13.05 10.64 0.79
CA THR A 368 11.99 10.48 1.78
C THR A 368 10.97 9.42 1.40
N ASP A 369 10.59 9.35 0.12
CA ASP A 369 9.60 8.36 -0.31
C ASP A 369 10.14 6.96 -0.04
N LEU A 370 9.35 6.08 0.60
CA LEU A 370 9.92 4.80 0.89
C LEU A 370 10.21 3.91 -0.31
N ARG A 371 9.52 4.12 -1.45
CA ARG A 371 9.84 3.27 -2.61
C ARG A 371 11.14 3.79 -3.28
N ALA A 372 11.32 5.10 -3.27
CA ALA A 372 12.53 5.67 -3.85
C ALA A 372 13.69 5.24 -2.93
N SER A 373 13.44 5.27 -1.61
CA SER A 373 14.49 4.90 -0.66
C SER A 373 14.84 3.42 -0.82
N ALA A 374 13.83 2.56 -0.97
CA ALA A 374 14.13 1.13 -1.13
C ALA A 374 14.90 0.96 -2.45
N SER A 375 14.56 1.77 -3.44
CA SER A 375 15.25 1.66 -4.75
C SER A 375 16.71 2.03 -4.57
N LEU A 376 16.99 3.02 -3.72
CA LEU A 376 18.38 3.40 -3.46
C LEU A 376 19.16 2.26 -2.79
N VAL A 377 18.50 1.52 -1.90
CA VAL A 377 19.20 0.38 -1.29
C VAL A 377 19.50 -0.69 -2.39
N LEU A 378 18.53 -0.97 -3.26
CA LEU A 378 18.78 -1.95 -4.31
C LEU A 378 19.90 -1.45 -5.20
N ALA A 379 19.94 -0.14 -5.47
CA ALA A 379 21.01 0.41 -6.28
C ALA A 379 22.37 0.16 -5.59
N GLY A 380 22.42 0.32 -4.27
CA GLY A 380 23.66 0.08 -3.53
C GLY A 380 24.11 -1.36 -3.65
N CYS A 381 23.17 -2.30 -3.73
CA CYS A 381 23.53 -3.71 -3.82
C CYS A 381 24.27 -4.03 -5.13
N ILE A 382 23.87 -3.36 -6.21
CA ILE A 382 24.52 -3.63 -7.49
C ILE A 382 25.60 -2.61 -7.87
N ALA A 383 25.76 -1.51 -7.12
CA ALA A 383 26.77 -0.51 -7.48
C ALA A 383 28.17 -0.97 -7.00
N GLU A 384 29.18 -0.42 -7.65
CA GLU A 384 30.55 -0.72 -7.30
C GLU A 384 30.94 0.06 -6.05
N GLY A 385 31.33 -0.65 -4.99
CA GLY A 385 31.78 0.04 -3.79
C GLY A 385 30.77 0.23 -2.68
N THR A 386 30.95 1.31 -1.93
CA THR A 386 30.09 1.57 -0.79
C THR A 386 29.00 2.60 -1.01
N THR A 387 27.76 2.22 -0.67
CA THR A 387 26.63 3.11 -0.74
C THR A 387 26.06 3.26 0.68
N VAL A 388 25.74 4.49 1.07
CA VAL A 388 25.13 4.72 2.37
C VAL A 388 23.78 5.38 2.11
N VAL A 389 22.71 4.69 2.50
CA VAL A 389 21.35 5.21 2.33
C VAL A 389 20.92 5.71 3.71
N ASP A 390 20.61 7.00 3.78
CA ASP A 390 20.22 7.68 5.01
C ASP A 390 18.70 7.71 5.21
N ARG A 391 18.29 7.91 6.46
CA ARG A 391 16.90 8.05 6.85
C ARG A 391 16.07 6.86 6.42
N ILE A 392 16.60 5.66 6.65
CA ILE A 392 15.84 4.49 6.19
C ILE A 392 14.64 4.15 7.04
N TYR A 393 14.35 4.93 8.10
CA TYR A 393 13.15 4.64 8.86
C TYR A 393 11.94 4.70 7.93
N HIS A 394 12.02 5.51 6.86
CA HIS A 394 10.92 5.55 5.91
C HIS A 394 10.68 4.15 5.35
N ILE A 395 11.77 3.44 5.05
CA ILE A 395 11.62 2.09 4.50
C ILE A 395 11.02 1.15 5.56
N ASP A 396 11.50 1.32 6.78
CA ASP A 396 11.01 0.52 7.89
C ASP A 396 9.50 0.64 8.13
N ARG A 397 8.88 1.75 7.72
CA ARG A 397 7.44 1.92 7.90
C ARG A 397 6.63 1.12 6.90
N GLY A 398 7.30 0.65 5.83
CA GLY A 398 6.60 -0.12 4.82
C GLY A 398 7.16 -1.51 4.52
N TYR A 399 8.32 -1.82 5.03
CA TYR A 399 8.94 -3.13 4.81
C TYR A 399 9.43 -3.68 6.12
N GLU A 400 9.15 -4.95 6.39
CA GLU A 400 9.72 -5.54 7.62
C GLU A 400 11.19 -5.98 7.45
N ARG A 401 12.12 -5.37 8.18
CA ARG A 401 13.56 -5.72 8.15
C ARG A 401 14.10 -6.01 6.75
N ILE A 402 13.98 -5.06 5.86
CA ILE A 402 14.43 -5.29 4.50
C ILE A 402 15.89 -5.72 4.41
N GLU A 403 16.75 -5.28 5.33
CA GLU A 403 18.16 -5.66 5.22
C GLU A 403 18.37 -7.15 5.47
N ASP A 404 17.56 -7.75 6.34
CA ASP A 404 17.65 -9.18 6.58
C ASP A 404 17.20 -9.98 5.34
N LYS A 405 16.11 -9.55 4.71
CA LYS A 405 15.65 -10.25 3.51
C LYS A 405 16.70 -10.07 2.40
N LEU A 406 17.28 -8.88 2.27
CA LEU A 406 18.30 -8.68 1.23
C LEU A 406 19.56 -9.48 1.55
N ARG A 407 19.96 -9.48 2.84
CA ARG A 407 21.13 -10.26 3.21
C ARG A 407 20.90 -11.73 2.86
N ALA A 408 19.68 -12.25 3.02
CA ALA A 408 19.41 -13.66 2.70
C ALA A 408 19.57 -13.93 1.20
N LEU A 409 19.58 -12.86 0.40
CA LEU A 409 19.74 -12.99 -1.05
C LEU A 409 21.18 -12.76 -1.46
N GLY A 410 22.07 -12.53 -0.50
CA GLY A 410 23.46 -12.30 -0.84
C GLY A 410 23.95 -10.87 -0.69
N ALA A 411 23.08 -9.93 -0.29
CA ALA A 411 23.58 -8.55 -0.16
C ALA A 411 24.53 -8.37 1.03
N ASN A 412 25.47 -7.44 0.87
CA ASN A 412 26.37 -7.09 1.96
C ASN A 412 25.79 -5.78 2.47
N ILE A 413 25.01 -5.86 3.55
CA ILE A 413 24.33 -4.68 4.05
C ILE A 413 24.31 -4.63 5.59
N GLU A 414 24.45 -3.43 6.13
CA GLU A 414 24.48 -3.30 7.58
C GLU A 414 23.67 -2.06 7.99
N ARG A 415 22.88 -2.21 9.05
CA ARG A 415 22.10 -1.12 9.59
C ARG A 415 23.05 -0.44 10.58
N VAL A 416 23.35 0.84 10.35
CA VAL A 416 24.26 1.59 11.21
C VAL A 416 23.44 2.58 12.01
N LYS A 417 23.69 2.57 13.31
CA LYS A 417 22.96 3.38 14.28
C LYS A 417 23.54 4.77 14.47
N GLY A 418 22.70 5.78 14.22
CA GLY A 418 23.09 7.18 14.35
C GLY A 418 24.42 7.46 13.65
N GLU A 419 24.66 6.70 12.59
CA GLU A 419 25.90 6.77 11.81
C GLU A 419 27.15 6.61 12.69
#